data_6YCN
#
_entry.id   6YCN
#
_cell.length_a   104.328
_cell.length_b   104.328
_cell.length_c   115.025
_cell.angle_alpha   90.000
_cell.angle_beta   90.000
_cell.angle_gamma   90.000
#
_symmetry.space_group_name_H-M   'P 43 21 2'
#
loop_
_entity.id
_entity.type
_entity.pdbx_description
1 polymer 'Aromatic O-demethylase, cytochrome P450 subunit'
2 non-polymer 'PROTOPORPHYRIN IX CONTAINING FE'
3 non-polymer 2-(hydroxymethyl)-6-methoxy-phenol
4 water water
#
_entity_poly.entity_id   1
_entity_poly.type   'polypeptide(L)'
_entity_poly.pdbx_seq_one_letter_code
;GPMTTTERPDLAWLDEVTMTQLERNPYEVYERLRAEAPLAFVPVLGSYVASTAEVCREVATSPDFEAVITPAGGRTFGHP
AIIGVNGDIHADLRSMVEPALQPAEVDRWIDDLVRPIARRYLERFENDGHAELVAQYCEPVSVRSLGDLLGLQEVDSDKL
REWFAKLNRSATNAAVDENGEFANPEGFAEGDQAKAEIRAVVDPLIDKWIEHPDDSAISHWLHDGMPPGQTRDREYIYPT
IYVYLLGAMQEPGHGMASTLVGLFSRPEQLEEVVDDPTLIPRAIAEGLRWTSPIWSATARISTKPVTIAGVDLPAGTPVM
LSYGSANHDTGKYEAPSQYDLHRPPLPHLAFGAGNHACAGIYFANHVMRIALEELFEAIPNLERDTREGVEFWGWGFRGP
TSLHVTWEV
;
_entity_poly.pdbx_strand_id   A
#
loop_
_chem_comp.id
_chem_comp.type
_chem_comp.name
_chem_comp.formula
HEM non-polymer 'PROTOPORPHYRIN IX CONTAINING FE' 'C34 H32 Fe N4 O4'
OKE non-polymer 2-(hydroxymethyl)-6-methoxy-phenol 'C8 H10 O3'
#
# COMPACT_ATOMS: atom_id res chain seq x y z
N GLU A 7 -30.64 -3.65 0.70
CA GLU A 7 -31.39 -3.63 1.95
C GLU A 7 -31.70 -2.19 2.38
N ARG A 8 -30.72 -1.29 2.31
CA ARG A 8 -30.98 0.10 2.68
C ARG A 8 -31.64 0.80 1.49
N PRO A 9 -32.92 1.18 1.61
CA PRO A 9 -33.66 1.57 0.39
C PRO A 9 -33.07 2.77 -0.36
N ASP A 10 -32.69 3.84 0.35
CA ASP A 10 -32.26 5.04 -0.36
C ASP A 10 -30.92 4.85 -1.06
N LEU A 11 -30.20 3.77 -0.77
CA LEU A 11 -28.94 3.47 -1.42
C LEU A 11 -29.08 2.40 -2.49
N ALA A 12 -30.28 2.21 -3.03
CA ALA A 12 -30.48 1.18 -4.03
C ALA A 12 -29.58 1.38 -5.24
N TRP A 13 -29.12 2.60 -5.50
CA TRP A 13 -28.21 2.84 -6.60
C TRP A 13 -26.89 2.10 -6.43
N LEU A 14 -26.52 1.75 -5.19
CA LEU A 14 -25.29 0.98 -4.98
C LEU A 14 -25.37 -0.41 -5.61
N ASP A 15 -26.58 -0.93 -5.82
CA ASP A 15 -26.73 -2.22 -6.46
C ASP A 15 -26.16 -2.22 -7.87
N GLU A 16 -26.06 -1.05 -8.51
CA GLU A 16 -25.58 -0.98 -9.89
C GLU A 16 -24.12 -0.54 -9.99
N VAL A 17 -23.43 -0.41 -8.87
CA VAL A 17 -22.00 -0.09 -8.88
C VAL A 17 -21.23 -1.36 -9.21
N THR A 18 -20.28 -1.25 -10.13
CA THR A 18 -19.51 -2.42 -10.57
C THR A 18 -18.08 -2.37 -10.02
N MET A 19 -17.45 -3.53 -10.03
CA MET A 19 -16.06 -3.65 -9.62
C MET A 19 -15.16 -2.89 -10.58
N THR A 20 -15.45 -2.97 -11.89
CA THR A 20 -14.65 -2.25 -12.88
C THR A 20 -14.73 -0.76 -12.65
N GLN A 21 -15.92 -0.24 -12.34
CA GLN A 21 -16.07 1.18 -12.06
C GLN A 21 -15.21 1.60 -10.88
N LEU A 22 -15.23 0.82 -9.80
CA LEU A 22 -14.46 1.16 -8.62
C LEU A 22 -12.96 1.09 -8.90
N GLU A 23 -12.54 0.12 -9.72
CA GLU A 23 -11.13 0.00 -10.06
C GLU A 23 -10.66 1.15 -10.94
N ARG A 24 -11.49 1.57 -11.90
CA ARG A 24 -11.06 2.65 -12.79
C ARG A 24 -11.07 4.00 -12.08
N ASN A 25 -12.11 4.27 -11.32
CA ASN A 25 -12.16 5.52 -10.57
C ASN A 25 -13.20 5.40 -9.46
N PRO A 26 -12.78 5.19 -8.21
CA PRO A 26 -13.76 5.02 -7.13
C PRO A 26 -14.26 6.34 -6.53
N TYR A 27 -13.73 7.46 -6.97
CA TYR A 27 -13.93 8.70 -6.22
C TYR A 27 -15.35 9.24 -6.37
N GLU A 28 -16.04 8.98 -7.49
CA GLU A 28 -17.40 9.52 -7.62
C GLU A 28 -18.38 8.74 -6.73
N VAL A 29 -18.27 7.41 -6.72
CA VAL A 29 -19.12 6.62 -5.83
C VAL A 29 -18.85 6.99 -4.37
N TYR A 30 -17.57 7.14 -4.00
CA TYR A 30 -17.26 7.39 -2.60
C TYR A 30 -17.59 8.82 -2.18
N GLU A 31 -17.58 9.77 -3.12
CA GLU A 31 -18.09 11.10 -2.81
C GLU A 31 -19.56 11.04 -2.40
N ARG A 32 -20.37 10.23 -3.10
CA ARG A 32 -21.74 10.03 -2.68
C ARG A 32 -21.83 9.28 -1.35
N LEU A 33 -21.00 8.24 -1.15
CA LEU A 33 -21.06 7.52 0.12
C LEU A 33 -20.74 8.46 1.29
N ARG A 34 -19.72 9.30 1.16
CA ARG A 34 -19.35 10.16 2.28
C ARG A 34 -20.51 11.08 2.65
N ALA A 35 -21.33 11.48 1.68
CA ALA A 35 -22.47 12.34 1.97
C ALA A 35 -23.72 11.57 2.39
N GLU A 36 -23.97 10.43 1.76
CA GLU A 36 -25.21 9.69 2.01
C GLU A 36 -25.10 8.70 3.15
N ALA A 37 -23.94 8.03 3.29
CA ALA A 37 -23.86 6.90 4.19
C ALA A 37 -22.39 6.60 4.50
N PRO A 38 -21.79 7.31 5.46
CA PRO A 38 -20.35 7.09 5.77
C PRO A 38 -20.02 5.66 6.12
N LEU A 39 -20.97 4.88 6.60
CA LEU A 39 -20.85 3.43 6.71
C LEU A 39 -21.97 2.84 5.86
N ALA A 40 -21.60 2.13 4.81
CA ALA A 40 -22.58 1.61 3.86
C ALA A 40 -22.19 0.22 3.37
N PHE A 41 -23.19 -0.62 3.18
CA PHE A 41 -22.98 -1.92 2.59
C PHE A 41 -22.96 -1.79 1.07
N VAL A 42 -21.84 -2.19 0.47
CA VAL A 42 -21.65 -2.09 -0.98
C VAL A 42 -21.84 -3.49 -1.57
N PRO A 43 -22.92 -3.73 -2.32
CA PRO A 43 -23.20 -5.12 -2.72
C PRO A 43 -22.10 -5.81 -3.47
N VAL A 44 -21.46 -5.16 -4.44
CA VAL A 44 -20.47 -5.90 -5.26
C VAL A 44 -19.26 -6.27 -4.41
N LEU A 45 -19.00 -5.54 -3.31
CA LEU A 45 -17.90 -5.86 -2.41
C LEU A 45 -18.32 -6.83 -1.32
N GLY A 46 -19.61 -7.03 -1.13
CA GLY A 46 -20.10 -7.92 -0.09
C GLY A 46 -19.78 -7.50 1.31
N SER A 47 -19.59 -6.20 1.56
CA SER A 47 -19.14 -5.74 2.86
C SER A 47 -19.62 -4.32 3.12
N TYR A 48 -19.77 -4.01 4.40
CA TYR A 48 -19.78 -2.62 4.83
C TYR A 48 -18.45 -1.96 4.50
N VAL A 49 -18.54 -0.68 4.16
CA VAL A 49 -17.40 0.15 3.81
C VAL A 49 -17.49 1.43 4.60
N ALA A 50 -16.38 1.84 5.19
CA ALA A 50 -16.26 3.13 5.86
C ALA A 50 -15.57 4.09 4.90
N SER A 51 -16.21 5.24 4.63
CA SER A 51 -15.72 6.15 3.61
C SER A 51 -15.22 7.49 4.12
N THR A 52 -15.58 7.88 5.34
CA THR A 52 -15.14 9.17 5.88
C THR A 52 -13.98 9.02 6.85
N ALA A 53 -13.30 10.14 7.10
CA ALA A 53 -12.19 10.11 8.06
C ALA A 53 -12.67 9.77 9.46
N GLU A 54 -13.80 10.34 9.88
CA GLU A 54 -14.30 10.07 11.22
C GLU A 54 -14.62 8.59 11.41
N VAL A 55 -15.31 7.98 10.44
CA VAL A 55 -15.71 6.59 10.59
C VAL A 55 -14.50 5.67 10.47
N CYS A 56 -13.62 5.92 9.49
CA CYS A 56 -12.44 5.07 9.35
C CYS A 56 -11.61 5.09 10.63
N ARG A 57 -11.36 6.29 11.18
CA ARG A 57 -10.56 6.36 12.39
C ARG A 57 -11.24 5.69 13.58
N GLU A 58 -12.56 5.87 13.70
CA GLU A 58 -13.29 5.25 14.80
C GLU A 58 -13.22 3.74 14.73
N VAL A 59 -13.47 3.16 13.55
CA VAL A 59 -13.43 1.71 13.41
C VAL A 59 -12.02 1.18 13.63
N ALA A 60 -11.03 1.88 13.08
CA ALA A 60 -9.65 1.41 13.19
C ALA A 60 -9.11 1.46 14.61
N THR A 61 -9.69 2.29 15.46
CA THR A 61 -9.19 2.45 16.83
C THR A 61 -10.16 1.98 17.90
N SER A 62 -11.31 1.45 17.51
CA SER A 62 -12.35 1.15 18.48
C SER A 62 -11.97 -0.10 19.29
N PRO A 63 -12.26 -0.11 20.60
CA PRO A 63 -12.07 -1.35 21.38
C PRO A 63 -13.07 -2.43 21.03
N ASP A 64 -14.13 -2.11 20.28
CA ASP A 64 -15.15 -3.07 19.92
C ASP A 64 -14.91 -3.68 18.53
N PHE A 65 -13.75 -3.42 17.93
CA PHE A 65 -13.37 -3.97 16.64
C PHE A 65 -11.99 -4.59 16.78
N GLU A 66 -11.70 -5.57 15.94
CA GLU A 66 -10.35 -6.11 15.80
C GLU A 66 -10.05 -6.33 14.33
N ALA A 67 -8.80 -6.67 14.03
CA ALA A 67 -8.44 -6.85 12.64
C ALA A 67 -9.16 -8.04 12.03
N VAL A 68 -9.48 -7.92 10.74
CA VAL A 68 -9.95 -9.05 9.96
C VAL A 68 -9.40 -8.87 8.56
N ILE A 69 -9.04 -9.94 7.91
CA ILE A 69 -8.57 -9.85 6.52
C ILE A 69 -9.79 -9.77 5.60
N THR A 70 -9.68 -9.01 4.52
CA THR A 70 -10.75 -9.03 3.52
C THR A 70 -10.94 -10.43 2.98
N PRO A 71 -12.12 -10.73 2.39
CA PRO A 71 -12.30 -12.08 1.84
C PRO A 71 -11.25 -12.43 0.79
N ALA A 72 -10.99 -11.54 -0.19
CA ALA A 72 -9.98 -11.87 -1.19
C ALA A 72 -8.58 -11.87 -0.59
N GLY A 73 -8.34 -11.01 0.38
CA GLY A 73 -7.07 -11.03 1.08
C GLY A 73 -6.83 -12.36 1.79
N GLY A 74 -7.87 -12.89 2.43
CA GLY A 74 -7.74 -14.15 3.11
C GLY A 74 -7.49 -15.29 2.15
N ARG A 75 -8.18 -15.28 1.02
CA ARG A 75 -7.93 -16.28 -0.02
C ARG A 75 -6.51 -16.21 -0.52
N THR A 76 -5.93 -15.01 -0.53
CA THR A 76 -4.60 -14.77 -1.06
C THR A 76 -3.51 -15.12 -0.05
N PHE A 77 -3.67 -14.65 1.19
CA PHE A 77 -2.58 -14.74 2.17
C PHE A 77 -2.71 -15.87 3.19
N GLY A 78 -3.90 -16.34 3.49
CA GLY A 78 -4.06 -17.36 4.50
C GLY A 78 -3.75 -16.84 5.90
N HIS A 79 -3.32 -17.75 6.77
CA HIS A 79 -3.10 -17.47 8.20
C HIS A 79 -1.66 -17.82 8.56
N PRO A 80 -0.99 -17.02 9.41
CA PRO A 80 -1.42 -15.79 10.10
C PRO A 80 -0.84 -14.55 9.42
N ALA A 81 -1.61 -13.95 8.52
CA ALA A 81 -1.19 -12.70 7.92
C ALA A 81 -1.22 -11.62 8.98
N ILE A 82 -0.14 -10.83 9.08
CA ILE A 82 -0.03 -9.87 10.17
C ILE A 82 -1.24 -8.93 10.17
N ILE A 83 -1.79 -8.64 8.98
CA ILE A 83 -2.92 -7.74 8.86
C ILE A 83 -4.24 -8.33 9.31
N GLY A 84 -4.31 -9.62 9.55
CA GLY A 84 -5.59 -10.28 9.76
C GLY A 84 -5.70 -10.99 11.10
N VAL A 85 -4.68 -10.85 11.95
CA VAL A 85 -4.69 -11.53 13.24
C VAL A 85 -4.63 -10.53 14.37
N ASN A 86 -4.86 -11.04 15.59
CA ASN A 86 -4.97 -10.21 16.78
C ASN A 86 -4.29 -10.91 17.95
N GLY A 87 -4.36 -10.28 19.12
CA GLY A 87 -3.95 -10.98 20.33
C GLY A 87 -2.48 -11.37 20.32
N ASP A 88 -2.20 -12.53 20.92
CA ASP A 88 -0.82 -12.95 21.11
C ASP A 88 -0.10 -13.14 19.79
N ILE A 89 -0.77 -13.72 18.79
CA ILE A 89 -0.11 -13.92 17.50
C ILE A 89 0.26 -12.60 16.86
N HIS A 90 -0.65 -11.62 16.89
CA HIS A 90 -0.33 -10.31 16.33
C HIS A 90 0.83 -9.66 17.08
N ALA A 91 0.84 -9.76 18.41
CA ALA A 91 1.93 -9.18 19.18
C ALA A 91 3.25 -9.81 18.78
N ASP A 92 3.26 -11.12 18.54
CA ASP A 92 4.50 -11.78 18.16
C ASP A 92 4.96 -11.31 16.78
N LEU A 93 4.02 -11.25 15.82
CA LEU A 93 4.39 -10.83 14.46
C LEU A 93 4.83 -9.38 14.44
N ARG A 94 4.20 -8.51 15.25
CA ARG A 94 4.69 -7.15 15.36
C ARG A 94 6.10 -7.12 15.94
N SER A 95 6.36 -7.92 16.97
CA SER A 95 7.70 -7.92 17.56
C SER A 95 8.71 -8.47 16.57
N MET A 96 8.28 -9.37 15.69
CA MET A 96 9.12 -9.93 14.65
C MET A 96 9.55 -8.88 13.62
N VAL A 97 8.60 -8.07 13.13
CA VAL A 97 8.93 -7.16 12.03
C VAL A 97 9.49 -5.82 12.51
N GLU A 98 9.29 -5.45 13.77
CA GLU A 98 9.55 -4.06 14.17
C GLU A 98 11.05 -3.69 14.26
N PRO A 99 11.96 -4.60 14.61
CA PRO A 99 13.35 -4.17 14.81
C PRO A 99 13.99 -3.39 13.66
N ALA A 100 13.94 -3.90 12.44
CA ALA A 100 14.57 -3.21 11.33
C ALA A 100 13.79 -1.96 10.90
N LEU A 101 12.59 -1.76 11.41
CA LEU A 101 11.76 -0.60 11.06
C LEU A 101 11.83 0.51 12.12
N GLN A 102 12.54 0.29 13.21
CA GLN A 102 12.66 1.28 14.25
C GLN A 102 13.38 2.52 13.72
N PRO A 103 12.88 3.72 14.02
CA PRO A 103 13.49 4.90 13.40
C PRO A 103 14.98 5.03 13.64
N ALA A 104 15.46 4.74 14.85
CA ALA A 104 16.89 4.85 15.14
C ALA A 104 17.69 3.86 14.31
N GLU A 105 17.12 2.68 14.06
CA GLU A 105 17.76 1.68 13.23
C GLU A 105 17.76 2.09 11.76
N VAL A 106 16.60 2.52 11.24
CA VAL A 106 16.52 2.96 9.84
C VAL A 106 17.56 4.04 9.57
N ASP A 107 17.66 5.02 10.47
CA ASP A 107 18.56 6.14 10.27
C ASP A 107 20.01 5.73 10.14
N ARG A 108 20.37 4.55 10.65
CA ARG A 108 21.76 4.08 10.58
C ARG A 108 22.17 3.68 9.17
N TRP A 109 21.23 3.23 8.34
CA TRP A 109 21.61 2.64 7.05
C TRP A 109 20.72 2.97 5.87
N ILE A 110 19.69 3.80 6.04
CA ILE A 110 18.75 3.99 4.94
C ILE A 110 19.41 4.70 3.77
N ASP A 111 20.30 5.66 4.05
CA ASP A 111 20.94 6.40 2.97
C ASP A 111 21.85 5.50 2.13
N ASP A 112 22.71 4.70 2.77
CA ASP A 112 23.57 3.78 2.05
C ASP A 112 22.80 2.67 1.37
N LEU A 113 21.55 2.41 1.76
CA LEU A 113 20.74 1.43 1.09
C LEU A 113 20.12 2.02 -0.18
N VAL A 114 19.37 3.11 -0.04
CA VAL A 114 18.51 3.55 -1.13
C VAL A 114 19.26 4.39 -2.15
N ARG A 115 20.16 5.26 -1.70
CA ARG A 115 20.76 6.21 -2.64
C ARG A 115 21.56 5.52 -3.75
N PRO A 116 22.40 4.53 -3.46
CA PRO A 116 23.08 3.80 -4.56
C PRO A 116 22.12 3.06 -5.48
N ILE A 117 21.00 2.58 -4.94
CA ILE A 117 19.99 1.92 -5.77
C ILE A 117 19.35 2.93 -6.71
N ALA A 118 18.92 4.07 -6.18
CA ALA A 118 18.35 5.11 -7.00
C ALA A 118 19.31 5.51 -8.12
N ARG A 119 20.58 5.72 -7.77
CA ARG A 119 21.58 6.10 -8.78
C ARG A 119 21.70 5.03 -9.86
N ARG A 120 21.75 3.76 -9.46
CA ARG A 120 21.88 2.67 -10.43
C ARG A 120 20.76 2.71 -11.46
N TYR A 121 19.50 2.83 -11.02
CA TYR A 121 18.41 2.87 -11.98
C TYR A 121 18.38 4.16 -12.77
N LEU A 122 18.74 5.29 -12.16
CA LEU A 122 18.75 6.55 -12.89
C LEU A 122 19.77 6.55 -14.03
N GLU A 123 20.93 5.94 -13.81
CA GLU A 123 21.98 5.94 -14.83
C GLU A 123 21.54 5.23 -16.11
N ARG A 124 20.54 4.35 -16.03
CA ARG A 124 20.09 3.64 -17.22
C ARG A 124 19.31 4.52 -18.18
N PHE A 125 18.85 5.71 -17.77
CA PHE A 125 18.00 6.49 -18.65
C PHE A 125 18.13 8.00 -18.50
N GLU A 126 18.93 8.50 -17.57
CA GLU A 126 18.89 9.91 -17.24
C GLU A 126 19.35 10.80 -18.40
N ASN A 127 19.99 10.23 -19.41
CA ASN A 127 20.43 10.98 -20.57
C ASN A 127 19.58 10.73 -21.81
N ASP A 128 18.48 9.98 -21.68
CA ASP A 128 17.66 9.64 -22.83
C ASP A 128 16.73 10.77 -23.25
N GLY A 129 16.36 11.65 -22.34
CA GLY A 129 15.36 12.66 -22.60
C GLY A 129 13.93 12.18 -22.56
N HIS A 130 13.71 10.90 -22.26
CA HIS A 130 12.37 10.35 -22.14
C HIS A 130 12.43 9.14 -21.22
N ALA A 131 11.32 8.87 -20.54
CA ALA A 131 11.28 7.71 -19.66
C ALA A 131 9.85 7.46 -19.21
N GLU A 132 9.61 6.23 -18.81
CA GLU A 132 8.35 5.79 -18.19
C GLU A 132 8.73 5.51 -16.74
N LEU A 133 8.46 6.47 -15.86
CA LEU A 133 9.09 6.47 -14.54
C LEU A 133 8.55 5.37 -13.63
N VAL A 134 7.32 4.91 -13.85
CA VAL A 134 6.80 3.83 -13.01
C VAL A 134 7.65 2.59 -13.19
N ALA A 135 7.79 2.13 -14.44
CA ALA A 135 8.53 0.91 -14.67
C ALA A 135 10.05 1.08 -14.58
N GLN A 136 10.56 2.25 -14.96
CA GLN A 136 12.00 2.43 -15.05
C GLN A 136 12.63 2.93 -13.75
N TYR A 137 11.82 3.47 -12.83
CA TYR A 137 12.42 4.09 -11.64
C TYR A 137 11.65 3.83 -10.34
N CYS A 138 10.38 4.23 -10.29
CA CYS A 138 9.64 4.17 -9.04
C CYS A 138 9.54 2.75 -8.52
N GLU A 139 9.01 1.84 -9.35
CA GLU A 139 8.88 0.46 -8.89
C GLU A 139 10.23 -0.19 -8.64
N PRO A 140 11.22 -0.11 -9.53
CA PRO A 140 12.51 -0.77 -9.25
C PRO A 140 13.18 -0.31 -7.95
N VAL A 141 13.21 0.98 -7.68
CA VAL A 141 13.85 1.47 -6.46
C VAL A 141 13.12 0.92 -5.24
N SER A 142 11.79 0.95 -5.26
CA SER A 142 10.99 0.47 -4.13
C SER A 142 11.30 -1.00 -3.86
N VAL A 143 11.30 -1.85 -4.91
CA VAL A 143 11.43 -3.27 -4.65
C VAL A 143 12.88 -3.66 -4.38
N ARG A 144 13.83 -2.99 -5.03
CA ARG A 144 15.24 -3.31 -4.80
C ARG A 144 15.68 -2.94 -3.39
N SER A 145 15.20 -1.79 -2.90
CA SER A 145 15.51 -1.36 -1.54
C SER A 145 14.98 -2.35 -0.50
N LEU A 146 13.69 -2.68 -0.59
CA LEU A 146 13.12 -3.63 0.36
C LEU A 146 13.69 -5.04 0.14
N GLY A 147 13.84 -5.45 -1.12
CA GLY A 147 14.35 -6.79 -1.38
C GLY A 147 15.70 -7.02 -0.75
N ASP A 148 16.60 -6.03 -0.86
CA ASP A 148 17.91 -6.18 -0.23
C ASP A 148 17.80 -6.23 1.29
N LEU A 149 16.95 -5.37 1.87
CA LEU A 149 16.75 -5.41 3.33
C LEU A 149 16.24 -6.77 3.77
N LEU A 150 15.32 -7.36 3.00
CA LEU A 150 14.72 -8.63 3.40
C LEU A 150 15.69 -9.79 3.28
N GLY A 151 16.69 -9.68 2.39
CA GLY A 151 17.57 -10.79 2.08
C GLY A 151 17.34 -11.41 0.71
N LEU A 152 16.57 -10.75 -0.15
CA LEU A 152 16.26 -11.19 -1.50
C LEU A 152 17.13 -10.51 -2.55
N GLN A 153 18.41 -10.30 -2.22
CA GLN A 153 19.30 -9.59 -3.14
C GLN A 153 19.34 -10.26 -4.50
N GLU A 154 19.26 -11.59 -4.55
CA GLU A 154 19.40 -12.31 -5.80
C GLU A 154 18.09 -12.46 -6.56
N VAL A 155 17.00 -11.92 -6.05
CA VAL A 155 15.75 -11.88 -6.79
C VAL A 155 15.72 -10.58 -7.59
N ASP A 156 15.66 -10.68 -8.92
CA ASP A 156 15.66 -9.51 -9.79
C ASP A 156 14.44 -8.65 -9.54
N SER A 157 14.60 -7.34 -9.78
CA SER A 157 13.53 -6.38 -9.57
C SER A 157 12.37 -6.62 -10.51
N ASP A 158 12.63 -7.08 -11.75
CA ASP A 158 11.54 -7.46 -12.63
C ASP A 158 10.66 -8.53 -11.98
N LYS A 159 11.28 -9.50 -11.30
CA LYS A 159 10.51 -10.59 -10.69
C LYS A 159 9.73 -10.09 -9.47
N LEU A 160 10.35 -9.28 -8.63
CA LEU A 160 9.65 -8.70 -7.49
C LEU A 160 8.46 -7.87 -7.94
N ARG A 161 8.62 -7.09 -9.01
CA ARG A 161 7.53 -6.30 -9.54
C ARG A 161 6.39 -7.18 -10.07
N GLU A 162 6.74 -8.27 -10.77
CA GLU A 162 5.72 -9.19 -11.24
C GLU A 162 4.95 -9.80 -10.09
N TRP A 163 5.65 -10.19 -9.03
CA TRP A 163 5.01 -10.80 -7.87
C TRP A 163 4.01 -9.83 -7.21
N PHE A 164 4.39 -8.58 -6.99
CA PHE A 164 3.42 -7.70 -6.30
C PHE A 164 2.24 -7.38 -7.19
N ALA A 165 2.42 -7.34 -8.52
CA ALA A 165 1.28 -7.13 -9.41
C ALA A 165 0.31 -8.29 -9.31
N LYS A 166 0.81 -9.53 -9.32
CA LYS A 166 -0.09 -10.67 -9.25
C LYS A 166 -0.78 -10.75 -7.88
N LEU A 167 -0.02 -10.51 -6.81
CA LEU A 167 -0.62 -10.52 -5.47
C LEU A 167 -1.64 -9.40 -5.33
N ASN A 168 -1.37 -8.25 -5.94
CA ASN A 168 -2.32 -7.15 -5.94
C ASN A 168 -3.66 -7.61 -6.53
N ARG A 169 -3.62 -8.18 -7.73
CA ARG A 169 -4.86 -8.56 -8.39
C ARG A 169 -5.60 -9.65 -7.63
N SER A 170 -4.85 -10.57 -7.03
CA SER A 170 -5.48 -11.61 -6.23
C SER A 170 -6.14 -11.05 -4.99
N ALA A 171 -5.40 -10.20 -4.25
CA ALA A 171 -5.93 -9.68 -2.97
C ALA A 171 -7.04 -8.66 -3.13
N THR A 172 -7.22 -8.10 -4.34
CA THR A 172 -8.31 -7.16 -4.59
C THR A 172 -9.37 -7.74 -5.49
N ASN A 173 -9.40 -9.06 -5.63
CA ASN A 173 -10.37 -9.80 -6.44
C ASN A 173 -11.68 -9.99 -5.65
N ALA A 174 -12.24 -8.85 -5.26
CA ALA A 174 -13.26 -8.78 -4.21
C ALA A 174 -14.69 -8.97 -4.72
N ALA A 175 -14.92 -8.94 -6.03
CA ALA A 175 -16.31 -8.88 -6.51
C ALA A 175 -17.08 -10.12 -6.11
N VAL A 176 -18.30 -9.93 -5.62
CA VAL A 176 -19.15 -11.05 -5.29
C VAL A 176 -20.41 -10.99 -6.12
N ASP A 177 -21.03 -12.15 -6.26
CA ASP A 177 -22.23 -12.27 -7.08
C ASP A 177 -23.46 -12.13 -6.19
N GLU A 178 -24.62 -12.47 -6.76
CA GLU A 178 -25.89 -12.22 -6.07
C GLU A 178 -26.00 -13.02 -4.79
N ASN A 179 -25.32 -14.17 -4.71
CA ASN A 179 -25.34 -15.01 -3.52
C ASN A 179 -24.16 -14.78 -2.59
N GLY A 180 -23.38 -13.71 -2.80
CA GLY A 180 -22.25 -13.43 -1.93
C GLY A 180 -21.02 -14.27 -2.20
N GLU A 181 -21.00 -15.05 -3.27
CA GLU A 181 -19.85 -15.86 -3.63
C GLU A 181 -18.94 -15.05 -4.55
N PHE A 182 -17.64 -15.38 -4.54
CA PHE A 182 -16.72 -14.66 -5.41
C PHE A 182 -17.21 -14.80 -6.84
N ALA A 183 -17.30 -13.68 -7.54
CA ALA A 183 -17.75 -13.66 -8.92
C ALA A 183 -16.67 -14.10 -9.90
N ASN A 184 -15.41 -13.93 -9.54
CA ASN A 184 -14.28 -14.23 -10.43
CA ASN A 184 -14.27 -14.22 -10.43
C ASN A 184 -13.31 -15.19 -9.75
N PRO A 185 -13.75 -16.42 -9.47
CA PRO A 185 -12.86 -17.36 -8.75
C PRO A 185 -11.56 -17.65 -9.49
N GLU A 186 -11.57 -17.56 -10.82
CA GLU A 186 -10.35 -17.76 -11.59
C GLU A 186 -9.32 -16.68 -11.30
N GLY A 187 -9.73 -15.56 -10.71
CA GLY A 187 -8.80 -14.46 -10.48
C GLY A 187 -7.82 -14.67 -9.35
N PHE A 188 -7.94 -15.76 -8.62
CA PHE A 188 -6.97 -16.08 -7.56
C PHE A 188 -5.83 -16.96 -8.08
N ALA A 189 -5.97 -17.51 -9.28
CA ALA A 189 -5.00 -18.49 -9.77
C ALA A 189 -3.63 -17.86 -9.98
N GLU A 190 -3.57 -16.60 -10.42
CA GLU A 190 -2.24 -16.00 -10.61
C GLU A 190 -1.61 -15.63 -9.28
N GLY A 191 -2.42 -15.38 -8.26
CA GLY A 191 -1.89 -15.28 -6.91
C GLY A 191 -1.27 -16.58 -6.45
N ASP A 192 -1.99 -17.68 -6.66
CA ASP A 192 -1.47 -18.99 -6.29
C ASP A 192 -0.18 -19.30 -7.04
N GLN A 193 -0.09 -18.92 -8.31
CA GLN A 193 1.13 -19.15 -9.07
C GLN A 193 2.29 -18.32 -8.52
N ALA A 194 2.03 -17.06 -8.18
CA ALA A 194 3.08 -16.24 -7.59
C ALA A 194 3.58 -16.83 -6.28
N LYS A 195 2.67 -17.28 -5.42
CA LYS A 195 3.08 -17.88 -4.16
C LYS A 195 3.93 -19.13 -4.39
N ALA A 196 3.57 -19.95 -5.38
CA ALA A 196 4.37 -21.14 -5.67
C ALA A 196 5.77 -20.76 -6.15
N GLU A 197 5.87 -19.70 -6.95
CA GLU A 197 7.18 -19.24 -7.40
C GLU A 197 7.99 -18.68 -6.24
N ILE A 198 7.32 -17.95 -5.33
CA ILE A 198 8.00 -17.39 -4.17
C ILE A 198 8.56 -18.51 -3.32
N ARG A 199 7.76 -19.58 -3.10
CA ARG A 199 8.22 -20.69 -2.30
C ARG A 199 9.47 -21.32 -2.88
N ALA A 200 9.48 -21.51 -4.19
CA ALA A 200 10.64 -22.15 -4.82
C ALA A 200 11.92 -21.31 -4.62
N VAL A 201 11.79 -19.99 -4.65
CA VAL A 201 12.92 -19.10 -4.46
C VAL A 201 13.29 -18.96 -2.97
N VAL A 202 12.30 -18.83 -2.09
CA VAL A 202 12.58 -18.45 -0.71
C VAL A 202 12.84 -19.64 0.19
N ASP A 203 12.28 -20.81 -0.11
CA ASP A 203 12.50 -21.97 0.74
C ASP A 203 13.98 -22.30 0.88
N PRO A 204 14.80 -22.27 -0.19
CA PRO A 204 16.25 -22.53 0.00
C PRO A 204 16.93 -21.46 0.85
N LEU A 205 16.50 -20.21 0.73
CA LEU A 205 17.07 -19.14 1.54
C LEU A 205 16.75 -19.36 3.01
N ILE A 206 15.51 -19.79 3.31
CA ILE A 206 15.17 -20.09 4.70
C ILE A 206 15.95 -21.28 5.20
N ASP A 207 16.08 -22.34 4.39
CA ASP A 207 16.86 -23.49 4.79
C ASP A 207 18.23 -23.05 5.29
N LYS A 208 18.84 -22.13 4.55
CA LYS A 208 20.19 -21.65 4.85
C LYS A 208 20.19 -20.75 6.07
N TRP A 209 19.22 -19.84 6.18
CA TRP A 209 19.19 -18.92 7.31
C TRP A 209 18.96 -19.63 8.64
N ILE A 210 18.23 -20.75 8.63
CA ILE A 210 18.02 -21.50 9.86
C ILE A 210 19.35 -21.94 10.44
N GLU A 211 20.25 -22.43 9.58
CA GLU A 211 21.55 -22.92 10.05
C GLU A 211 22.60 -21.83 10.12
N HIS A 212 22.50 -20.81 9.27
CA HIS A 212 23.52 -19.77 9.14
C HIS A 212 22.84 -18.41 9.11
N PRO A 213 22.45 -17.90 10.27
CA PRO A 213 21.75 -16.59 10.29
C PRO A 213 22.66 -15.48 9.84
N ASP A 214 22.06 -14.46 9.23
CA ASP A 214 22.80 -13.28 8.77
C ASP A 214 21.98 -12.04 9.12
N ASP A 215 22.30 -10.91 8.53
CA ASP A 215 21.66 -9.65 8.91
C ASP A 215 20.43 -9.35 8.07
N SER A 216 20.01 -10.27 7.21
CA SER A 216 18.77 -10.10 6.45
C SER A 216 17.56 -10.08 7.40
N ALA A 217 16.54 -9.32 7.02
CA ALA A 217 15.35 -9.22 7.86
C ALA A 217 14.68 -10.56 8.03
N ILE A 218 14.55 -11.35 6.94
CA ILE A 218 13.88 -12.64 7.09
C ILE A 218 14.68 -13.56 8.01
N SER A 219 16.01 -13.53 7.94
CA SER A 219 16.78 -14.32 8.90
C SER A 219 16.40 -13.93 10.34
N HIS A 220 16.30 -12.64 10.61
CA HIS A 220 15.91 -12.18 11.94
C HIS A 220 14.47 -12.56 12.27
N TRP A 221 13.57 -12.61 11.28
CA TRP A 221 12.22 -13.10 11.57
C TRP A 221 12.26 -14.55 12.03
N LEU A 222 13.18 -15.35 11.52
CA LEU A 222 13.25 -16.74 11.93
C LEU A 222 13.79 -16.86 13.35
N HIS A 223 14.78 -16.03 13.71
CA HIS A 223 15.58 -16.25 14.92
C HIS A 223 15.27 -15.34 16.09
N ASP A 224 14.83 -14.11 15.84
CA ASP A 224 14.71 -13.12 16.91
C ASP A 224 13.72 -13.60 17.97
N GLY A 225 14.12 -13.48 19.23
CA GLY A 225 13.22 -13.77 20.33
C GLY A 225 12.95 -15.22 20.56
N MET A 226 13.66 -16.10 19.90
CA MET A 226 13.39 -17.53 19.99
C MET A 226 14.36 -18.17 20.97
N PRO A 227 13.97 -19.26 21.63
CA PRO A 227 14.93 -20.00 22.46
C PRO A 227 16.12 -20.45 21.65
N PRO A 228 17.21 -20.83 22.30
CA PRO A 228 18.42 -21.21 21.54
C PRO A 228 18.19 -22.42 20.65
N GLY A 229 18.65 -22.33 19.42
CA GLY A 229 18.52 -23.39 18.46
C GLY A 229 17.17 -23.51 17.80
N GLN A 230 16.21 -22.65 18.14
CA GLN A 230 14.87 -22.71 17.57
C GLN A 230 14.61 -21.57 16.60
N THR A 231 13.72 -21.81 15.62
CA THR A 231 13.32 -20.77 14.69
C THR A 231 11.80 -20.80 14.59
N ARG A 232 11.21 -19.66 14.21
CA ARG A 232 9.80 -19.66 13.84
C ARG A 232 9.60 -20.57 12.64
N ASP A 233 8.57 -21.39 12.67
CA ASP A 233 8.26 -22.26 11.54
C ASP A 233 8.01 -21.42 10.30
N ARG A 234 8.51 -21.88 9.15
CA ARG A 234 8.30 -21.06 7.96
C ARG A 234 6.83 -20.89 7.60
N GLU A 235 5.97 -21.85 7.91
CA GLU A 235 4.54 -21.68 7.61
C GLU A 235 3.94 -20.57 8.44
N TYR A 236 4.52 -20.29 9.62
CA TYR A 236 4.07 -19.21 10.47
C TYR A 236 4.47 -17.85 9.95
N ILE A 237 5.59 -17.72 9.25
CA ILE A 237 6.02 -16.41 8.76
C ILE A 237 5.68 -16.18 7.27
N TYR A 238 5.40 -17.22 6.49
CA TYR A 238 5.20 -16.98 5.06
C TYR A 238 4.07 -16.01 4.76
N PRO A 239 2.92 -16.04 5.45
CA PRO A 239 1.86 -15.07 5.11
C PRO A 239 2.30 -13.63 5.26
N THR A 240 3.11 -13.33 6.28
CA THR A 240 3.67 -11.97 6.40
C THR A 240 4.74 -11.69 5.35
N ILE A 241 5.53 -12.69 4.95
CA ILE A 241 6.38 -12.52 3.78
C ILE A 241 5.54 -12.12 2.56
N TYR A 242 4.42 -12.81 2.31
CA TYR A 242 3.57 -12.44 1.18
C TYR A 242 3.01 -11.03 1.33
N VAL A 243 2.59 -10.67 2.54
CA VAL A 243 2.09 -9.32 2.78
C VAL A 243 3.15 -8.29 2.39
N TYR A 244 4.41 -8.53 2.76
CA TYR A 244 5.49 -7.64 2.34
C TYR A 244 5.64 -7.63 0.82
N LEU A 245 5.60 -8.82 0.19
CA LEU A 245 5.83 -8.89 -1.28
C LEU A 245 4.69 -8.28 -2.08
N LEU A 246 3.58 -7.94 -1.44
CA LEU A 246 2.58 -7.10 -2.08
C LEU A 246 2.84 -5.65 -1.66
N GLY A 247 2.26 -5.22 -0.53
CA GLY A 247 2.21 -3.80 -0.20
C GLY A 247 3.55 -3.16 0.15
N ALA A 248 4.39 -3.84 0.93
CA ALA A 248 5.67 -3.20 1.25
C ALA A 248 6.52 -2.99 -0.02
N MET A 249 6.43 -3.91 -0.98
CA MET A 249 7.13 -3.77 -2.26
C MET A 249 6.48 -2.72 -3.15
N GLN A 250 5.15 -2.68 -3.19
CA GLN A 250 4.46 -1.82 -4.15
C GLN A 250 4.30 -0.38 -3.69
N GLU A 251 4.01 -0.17 -2.40
CA GLU A 251 3.44 1.12 -2.07
C GLU A 251 4.41 2.29 -2.13
N PRO A 252 5.68 2.14 -1.72
CA PRO A 252 6.58 3.30 -1.83
C PRO A 252 6.72 3.76 -3.28
N GLY A 253 6.73 2.81 -4.23
CA GLY A 253 6.72 3.19 -5.64
C GLY A 253 5.46 3.92 -6.05
N HIS A 254 4.30 3.44 -5.57
CA HIS A 254 3.04 4.12 -5.81
C HIS A 254 3.07 5.53 -5.24
N GLY A 255 3.55 5.68 -4.01
CA GLY A 255 3.57 7.00 -3.38
C GLY A 255 4.45 7.98 -4.11
N MET A 256 5.64 7.54 -4.51
CA MET A 256 6.52 8.39 -5.33
C MET A 256 5.81 8.87 -6.58
N ALA A 257 5.22 7.92 -7.32
CA ALA A 257 4.64 8.22 -8.62
C ALA A 257 3.45 9.16 -8.48
N SER A 258 2.56 8.88 -7.52
CA SER A 258 1.42 9.76 -7.32
C SER A 258 1.89 11.16 -6.94
N THR A 259 2.90 11.24 -6.09
CA THR A 259 3.42 12.56 -5.72
C THR A 259 3.94 13.31 -6.95
N LEU A 260 4.66 12.63 -7.83
CA LEU A 260 5.14 13.27 -9.06
C LEU A 260 3.98 13.72 -9.94
N VAL A 261 2.98 12.86 -10.12
CA VAL A 261 1.82 13.24 -10.93
C VAL A 261 1.17 14.48 -10.33
N GLY A 262 1.00 14.50 -9.01
CA GLY A 262 0.39 15.66 -8.39
C GLY A 262 1.23 16.92 -8.60
N LEU A 263 2.55 16.80 -8.42
CA LEU A 263 3.41 17.96 -8.64
C LEU A 263 3.34 18.45 -10.08
N PHE A 264 3.37 17.52 -11.06
CA PHE A 264 3.22 17.92 -12.46
C PHE A 264 1.91 18.67 -12.70
N SER A 265 0.86 18.31 -11.96
CA SER A 265 -0.41 19.00 -12.10
C SER A 265 -0.34 20.42 -11.55
N ARG A 266 0.71 20.75 -10.79
CA ARG A 266 0.91 22.08 -10.20
C ARG A 266 2.32 22.54 -10.54
N PRO A 267 2.56 22.89 -11.81
CA PRO A 267 3.95 23.13 -12.25
C PRO A 267 4.72 24.13 -11.40
N GLU A 268 4.04 25.17 -10.89
CA GLU A 268 4.70 26.11 -9.98
C GLU A 268 5.22 25.40 -8.74
N GLN A 269 4.50 24.36 -8.28
CA GLN A 269 4.92 23.65 -7.08
C GLN A 269 6.04 22.66 -7.39
N LEU A 270 5.98 21.99 -8.54
CA LEU A 270 7.11 21.16 -8.95
C LEU A 270 8.41 21.96 -8.96
N GLU A 271 8.36 23.19 -9.48
CA GLU A 271 9.56 24.02 -9.52
C GLU A 271 10.06 24.33 -8.11
N GLU A 272 9.15 24.69 -7.20
CA GLU A 272 9.54 24.92 -5.81
C GLU A 272 10.32 23.75 -5.23
N VAL A 273 9.83 22.52 -5.45
CA VAL A 273 10.43 21.35 -4.82
C VAL A 273 11.78 21.03 -5.45
N VAL A 274 11.87 21.09 -6.77
CA VAL A 274 13.17 20.87 -7.41
C VAL A 274 14.19 21.88 -6.87
N ASP A 275 13.78 23.14 -6.75
CA ASP A 275 14.67 24.18 -6.25
C ASP A 275 15.00 24.00 -4.77
N ASP A 276 14.05 23.49 -3.98
CA ASP A 276 14.23 23.34 -2.53
C ASP A 276 13.86 21.92 -2.13
N PRO A 277 14.79 20.98 -2.20
CA PRO A 277 14.48 19.58 -1.89
C PRO A 277 14.07 19.33 -0.45
N THR A 278 14.25 20.30 0.46
CA THR A 278 13.73 20.10 1.81
C THR A 278 12.21 20.04 1.83
N LEU A 279 11.53 20.46 0.74
CA LEU A 279 10.09 20.35 0.67
C LEU A 279 9.63 18.97 0.20
N ILE A 280 10.53 18.06 -0.11
CA ILE A 280 10.11 16.76 -0.62
C ILE A 280 9.26 15.99 0.36
N PRO A 281 9.60 15.93 1.67
CA PRO A 281 8.69 15.23 2.62
C PRO A 281 7.29 15.80 2.63
N ARG A 282 7.14 17.13 2.57
CA ARG A 282 5.81 17.71 2.50
C ARG A 282 5.09 17.34 1.20
N ALA A 283 5.82 17.34 0.09
CA ALA A 283 5.23 16.94 -1.19
C ALA A 283 4.70 15.51 -1.13
N ILE A 284 5.45 14.61 -0.49
CA ILE A 284 5.07 13.20 -0.38
C ILE A 284 3.84 13.05 0.50
N ALA A 285 3.84 13.72 1.66
CA ALA A 285 2.66 13.64 2.52
C ALA A 285 1.39 14.05 1.79
N GLU A 286 1.43 15.15 1.02
CA GLU A 286 0.26 15.53 0.24
C GLU A 286 -0.03 14.50 -0.85
N GLY A 287 1.01 13.94 -1.46
CA GLY A 287 0.81 12.90 -2.47
C GLY A 287 0.06 11.69 -1.92
N LEU A 288 0.42 11.26 -0.72
CA LEU A 288 -0.26 10.12 -0.11
C LEU A 288 -1.71 10.43 0.20
N ARG A 289 -2.01 11.64 0.69
CA ARG A 289 -3.40 12.03 0.91
C ARG A 289 -4.14 12.07 -0.42
N TRP A 290 -3.49 12.63 -1.45
CA TRP A 290 -4.17 12.94 -2.70
C TRP A 290 -4.54 11.67 -3.47
N THR A 291 -3.63 10.71 -3.53
CA THR A 291 -3.94 9.37 -4.05
C THR A 291 -3.30 8.32 -3.12
N SER A 292 -4.05 7.83 -2.18
CA SER A 292 -3.49 6.95 -1.16
C SER A 292 -3.11 5.61 -1.78
N PRO A 293 -1.86 5.17 -1.63
CA PRO A 293 -1.47 3.89 -2.26
C PRO A 293 -2.26 2.71 -1.74
N ILE A 294 -2.44 2.60 -0.42
CA ILE A 294 -3.34 1.59 0.15
C ILE A 294 -4.68 2.28 0.30
N TRP A 295 -5.57 2.04 -0.67
CA TRP A 295 -6.77 2.85 -0.82
C TRP A 295 -7.93 2.24 -0.07
N SER A 296 -8.09 0.93 -0.18
CA SER A 296 -9.10 0.16 0.54
C SER A 296 -8.68 -1.30 0.61
N ALA A 297 -7.64 -1.63 1.38
CA ALA A 297 -7.14 -3.01 1.38
C ALA A 297 -7.31 -3.70 2.71
N THR A 298 -7.64 -2.97 3.77
CA THR A 298 -7.73 -3.59 5.08
C THR A 298 -9.12 -3.41 5.65
N ALA A 299 -9.35 -4.07 6.77
CA ALA A 299 -10.68 -4.15 7.34
C ALA A 299 -10.57 -4.43 8.84
N ARG A 300 -11.69 -4.21 9.52
CA ARG A 300 -11.85 -4.64 10.91
C ARG A 300 -13.17 -5.36 11.04
N ILE A 301 -13.31 -6.13 12.14
CA ILE A 301 -14.56 -6.85 12.41
C ILE A 301 -15.02 -6.53 13.80
N SER A 302 -16.34 -6.31 13.96
CA SER A 302 -16.87 -6.01 15.28
C SER A 302 -16.78 -7.25 16.16
N THR A 303 -16.47 -7.05 17.45
CA THR A 303 -16.41 -8.16 18.37
C THR A 303 -17.62 -8.20 19.28
N LYS A 304 -18.45 -7.18 19.25
CA LYS A 304 -19.72 -7.12 19.96
C LYS A 304 -20.65 -6.23 19.17
N PRO A 305 -21.95 -6.22 19.50
CA PRO A 305 -22.86 -5.27 18.84
C PRO A 305 -22.38 -3.85 19.08
N VAL A 306 -22.44 -3.03 18.03
CA VAL A 306 -21.93 -1.68 18.09
C VAL A 306 -22.70 -0.82 17.09
N THR A 307 -22.82 0.47 17.40
CA THR A 307 -23.47 1.44 16.52
C THR A 307 -22.41 2.37 15.96
N ILE A 308 -22.31 2.42 14.63
CA ILE A 308 -21.33 3.24 13.93
C ILE A 308 -22.09 4.05 12.88
N ALA A 309 -21.92 5.37 12.90
CA ALA A 309 -22.53 6.27 11.92
C ALA A 309 -24.02 5.98 11.76
N GLY A 310 -24.69 5.71 12.88
CA GLY A 310 -26.12 5.47 12.86
C GLY A 310 -26.52 4.06 12.48
N VAL A 311 -25.58 3.19 12.17
CA VAL A 311 -25.88 1.82 11.78
C VAL A 311 -25.62 0.92 12.97
N ASP A 312 -26.64 0.13 13.36
CA ASP A 312 -26.50 -0.86 14.42
C ASP A 312 -25.91 -2.13 13.80
N LEU A 313 -24.68 -2.44 14.13
CA LEU A 313 -24.01 -3.61 13.58
C LEU A 313 -24.05 -4.74 14.58
N PRO A 314 -24.41 -5.96 14.18
CA PRO A 314 -24.21 -7.09 15.08
C PRO A 314 -22.73 -7.37 15.27
N ALA A 315 -22.43 -8.18 16.28
CA ALA A 315 -21.08 -8.72 16.42
C ALA A 315 -20.74 -9.54 15.17
N GLY A 316 -19.45 -9.57 14.83
CA GLY A 316 -19.03 -10.34 13.69
C GLY A 316 -19.21 -9.65 12.36
N THR A 317 -19.33 -8.32 12.34
CA THR A 317 -19.56 -7.58 11.11
C THR A 317 -18.27 -7.01 10.57
N PRO A 318 -17.83 -7.43 9.39
CA PRO A 318 -16.64 -6.80 8.79
C PRO A 318 -16.93 -5.41 8.23
N VAL A 319 -15.93 -4.54 8.35
CA VAL A 319 -15.97 -3.19 7.80
C VAL A 319 -14.67 -2.93 7.05
N MET A 320 -14.80 -2.64 5.77
CA MET A 320 -13.63 -2.27 4.98
C MET A 320 -13.28 -0.80 5.22
N LEU A 321 -12.00 -0.53 5.39
CA LEU A 321 -11.51 0.82 5.66
C LEU A 321 -10.97 1.44 4.38
N SER A 322 -11.79 2.28 3.75
CA SER A 322 -11.41 2.95 2.51
C SER A 322 -10.71 4.27 2.84
N TYR A 323 -9.49 4.12 3.33
CA TYR A 323 -8.66 5.25 3.71
C TYR A 323 -8.42 6.20 2.55
N GLY A 324 -8.38 5.70 1.31
CA GLY A 324 -8.23 6.60 0.17
C GLY A 324 -9.39 7.56 0.02
N SER A 325 -10.61 7.10 0.34
CA SER A 325 -11.76 8.00 0.37
C SER A 325 -11.69 8.92 1.58
N ALA A 326 -11.31 8.38 2.74
CA ALA A 326 -11.22 9.19 3.95
C ALA A 326 -10.29 10.39 3.74
N ASN A 327 -9.26 10.22 2.94
CA ASN A 327 -8.29 11.28 2.69
C ASN A 327 -8.80 12.32 1.68
N HIS A 328 -10.02 12.14 1.17
CA HIS A 328 -10.70 13.19 0.41
C HIS A 328 -11.93 13.72 1.14
N ASP A 329 -11.99 13.52 2.47
CA ASP A 329 -13.13 13.96 3.26
C ASP A 329 -13.18 15.48 3.24
N THR A 330 -14.26 16.04 2.69
CA THR A 330 -14.38 17.49 2.61
C THR A 330 -14.74 18.13 3.94
N GLY A 331 -15.04 17.34 4.96
CA GLY A 331 -15.06 17.85 6.32
C GLY A 331 -13.71 18.23 6.85
N LYS A 332 -12.64 17.71 6.26
CA LYS A 332 -11.28 18.00 6.66
C LYS A 332 -10.53 18.86 5.67
N TYR A 333 -10.77 18.68 4.37
CA TYR A 333 -9.91 19.27 3.35
C TYR A 333 -10.72 20.10 2.37
N GLU A 334 -10.12 21.19 1.90
CA GLU A 334 -10.68 22.02 0.85
C GLU A 334 -10.20 21.51 -0.51
N ALA A 335 -11.14 21.26 -1.39
CA ALA A 335 -10.83 20.80 -2.74
C ALA A 335 -9.84 19.63 -2.71
N PRO A 336 -10.20 18.53 -2.05
CA PRO A 336 -9.23 17.44 -1.87
C PRO A 336 -8.81 16.76 -3.16
N SER A 337 -9.61 16.86 -4.24
CA SER A 337 -9.21 16.21 -5.48
C SER A 337 -8.04 16.94 -6.14
N GLN A 338 -7.70 18.12 -5.67
CA GLN A 338 -6.58 18.88 -6.20
C GLN A 338 -5.34 18.62 -5.33
N TYR A 339 -4.22 18.31 -5.98
CA TYR A 339 -2.95 18.26 -5.28
C TYR A 339 -2.52 19.68 -4.93
N ASP A 340 -2.14 19.89 -3.66
CA ASP A 340 -1.72 21.22 -3.23
C ASP A 340 -0.60 21.07 -2.20
N LEU A 341 0.63 21.29 -2.63
CA LEU A 341 1.78 21.25 -1.74
C LEU A 341 1.61 22.16 -0.52
N HIS A 342 0.89 23.27 -0.68
CA HIS A 342 0.77 24.27 0.37
C HIS A 342 -0.48 24.10 1.21
N ARG A 343 -1.17 22.98 1.05
CA ARG A 343 -2.20 22.61 2.00
C ARG A 343 -1.59 22.62 3.41
N PRO A 344 -2.33 23.06 4.43
CA PRO A 344 -1.81 22.97 5.81
C PRO A 344 -1.56 21.52 6.19
N PRO A 345 -0.40 21.21 6.77
CA PRO A 345 -0.11 19.80 7.10
C PRO A 345 -1.02 19.24 8.20
N LEU A 346 -2.09 18.57 7.83
CA LEU A 346 -3.06 17.99 8.73
C LEU A 346 -2.85 16.49 8.86
N PRO A 347 -3.44 15.86 9.87
CA PRO A 347 -3.39 14.39 9.95
C PRO A 347 -4.00 13.79 8.69
N HIS A 348 -3.49 12.64 8.30
CA HIS A 348 -4.11 11.86 7.22
C HIS A 348 -4.13 10.40 7.63
N LEU A 349 -4.85 9.59 6.86
CA LEU A 349 -5.05 8.18 7.15
C LEU A 349 -4.38 7.25 6.13
N ALA A 350 -3.41 7.73 5.36
CA ALA A 350 -2.76 6.88 4.37
C ALA A 350 -1.93 5.77 4.98
N PHE A 351 -1.57 5.87 6.27
CA PHE A 351 -0.87 4.82 6.97
C PHE A 351 -1.80 4.10 7.95
N GLY A 352 -3.09 4.37 7.89
CA GLY A 352 -4.08 3.72 8.77
C GLY A 352 -3.97 4.30 10.18
N ALA A 353 -4.44 3.51 11.14
CA ALA A 353 -4.60 4.03 12.49
C ALA A 353 -4.80 2.85 13.42
N GLY A 354 -4.52 3.08 14.73
CA GLY A 354 -4.73 2.06 15.73
C GLY A 354 -3.61 1.06 15.83
N ASN A 355 -3.91 -0.04 16.52
CA ASN A 355 -2.86 -1.04 16.78
C ASN A 355 -2.44 -1.81 15.52
N HIS A 356 -3.20 -1.71 14.43
CA HIS A 356 -2.80 -2.31 13.16
C HIS A 356 -2.35 -1.27 12.13
N ALA A 357 -2.04 -0.06 12.57
CA ALA A 357 -1.50 0.95 11.69
C ALA A 357 -0.16 0.47 11.09
N CYS A 358 0.19 1.07 9.96
CA CYS A 358 1.42 0.71 9.26
C CYS A 358 2.63 0.67 10.20
N ALA A 359 3.39 -0.40 10.08
CA ALA A 359 4.61 -0.60 10.87
C ALA A 359 5.84 -0.01 10.21
N GLY A 360 5.77 0.35 8.95
CA GLY A 360 6.93 0.78 8.17
C GLY A 360 6.93 2.22 7.72
N ILE A 361 6.19 3.09 8.42
CA ILE A 361 6.01 4.49 7.98
C ILE A 361 7.36 5.16 7.78
N TYR A 362 8.19 5.12 8.83
CA TYR A 362 9.45 5.85 8.82
C TYR A 362 10.35 5.40 7.67
N PHE A 363 10.48 4.08 7.51
CA PHE A 363 11.20 3.50 6.39
C PHE A 363 10.64 3.93 5.06
N ALA A 364 9.31 3.82 4.88
CA ALA A 364 8.68 4.15 3.61
C ALA A 364 8.90 5.60 3.23
N ASN A 365 8.71 6.51 4.18
CA ASN A 365 8.88 7.93 3.92
C ASN A 365 10.30 8.24 3.49
N HIS A 366 11.29 7.58 4.09
CA HIS A 366 12.67 7.79 3.66
C HIS A 366 12.98 7.21 2.27
N VAL A 367 12.44 6.03 1.95
CA VAL A 367 12.62 5.48 0.60
C VAL A 367 12.08 6.46 -0.43
N MET A 368 10.85 6.95 -0.21
CA MET A 368 10.26 7.88 -1.18
C MET A 368 11.06 9.17 -1.25
N ARG A 369 11.48 9.67 -0.08
CA ARG A 369 12.23 10.93 -0.04
C ARG A 369 13.53 10.82 -0.84
N ILE A 370 14.33 9.80 -0.54
CA ILE A 370 15.64 9.67 -1.19
C ILE A 370 15.45 9.48 -2.70
N ALA A 371 14.51 8.62 -3.10
CA ALA A 371 14.25 8.41 -4.51
C ALA A 371 13.93 9.73 -5.22
N LEU A 372 13.08 10.56 -4.61
CA LEU A 372 12.73 11.80 -5.28
C LEU A 372 13.89 12.82 -5.24
N GLU A 373 14.67 12.82 -4.16
CA GLU A 373 15.86 13.67 -4.12
C GLU A 373 16.78 13.37 -5.28
N GLU A 374 17.09 12.09 -5.50
CA GLU A 374 18.03 11.73 -6.55
C GLU A 374 17.46 11.97 -7.94
N LEU A 375 16.16 11.72 -8.12
CA LEU A 375 15.54 11.99 -9.41
C LEU A 375 15.64 13.46 -9.81
N PHE A 376 15.33 14.36 -8.86
CA PHE A 376 15.35 15.78 -9.16
C PHE A 376 16.77 16.30 -9.33
N GLU A 377 17.73 15.71 -8.61
CA GLU A 377 19.13 16.08 -8.80
C GLU A 377 19.63 15.66 -10.19
N ALA A 378 19.24 14.48 -10.64
CA ALA A 378 19.70 13.97 -11.93
C ALA A 378 18.96 14.59 -13.10
N ILE A 379 17.71 14.98 -12.91
CA ILE A 379 16.90 15.52 -14.00
C ILE A 379 16.11 16.73 -13.49
N PRO A 380 16.78 17.85 -13.25
CA PRO A 380 16.04 19.02 -12.71
C PRO A 380 15.02 19.59 -13.65
N ASN A 381 15.16 19.40 -14.96
CA ASN A 381 14.21 19.94 -15.93
C ASN A 381 13.15 18.92 -16.34
N LEU A 382 12.89 17.93 -15.49
CA LEU A 382 11.84 16.96 -15.72
C LEU A 382 10.53 17.62 -16.08
N GLU A 383 9.89 17.12 -17.14
CA GLU A 383 8.56 17.56 -17.52
C GLU A 383 7.70 16.33 -17.81
N ARG A 384 6.40 16.46 -17.58
CA ARG A 384 5.50 15.37 -17.93
C ARG A 384 5.28 15.38 -19.44
N ASP A 385 5.27 14.19 -20.03
CA ASP A 385 4.94 13.98 -21.44
C ASP A 385 3.44 14.19 -21.62
N THR A 386 3.05 15.38 -22.09
CA THR A 386 1.64 15.72 -22.21
C THR A 386 0.95 15.07 -23.41
N ARG A 387 1.68 14.37 -24.28
CA ARG A 387 1.01 13.58 -25.31
C ARG A 387 0.30 12.37 -24.70
N GLU A 388 0.83 11.84 -23.60
CA GLU A 388 0.33 10.65 -22.95
C GLU A 388 -0.37 11.07 -21.66
N GLY A 389 -1.64 10.70 -21.52
CA GLY A 389 -2.34 10.93 -20.27
C GLY A 389 -1.90 9.97 -19.18
N VAL A 390 -2.12 10.38 -17.93
CA VAL A 390 -1.85 9.54 -16.78
C VAL A 390 -3.15 8.89 -16.35
N GLU A 391 -3.20 7.57 -16.38
CA GLU A 391 -4.35 6.84 -15.86
C GLU A 391 -3.95 6.23 -14.52
N PHE A 392 -4.84 6.33 -13.56
CA PHE A 392 -4.70 5.64 -12.29
C PHE A 392 -5.60 4.42 -12.32
N TRP A 393 -5.14 3.35 -11.68
CA TRP A 393 -5.95 2.15 -11.61
C TRP A 393 -5.88 1.60 -10.19
N GLY A 394 -7.00 1.08 -9.72
CA GLY A 394 -7.03 0.32 -8.47
C GLY A 394 -8.01 0.87 -7.47
N TRP A 395 -8.75 -0.07 -6.84
CA TRP A 395 -9.63 0.24 -5.72
C TRP A 395 -8.97 -0.15 -4.39
N GLY A 396 -8.36 -1.33 -4.32
CA GLY A 396 -7.74 -1.77 -3.08
C GLY A 396 -6.41 -1.09 -2.88
N PHE A 397 -5.59 -1.13 -3.92
CA PHE A 397 -4.34 -0.39 -4.01
C PHE A 397 -4.43 0.48 -5.26
N ARG A 398 -4.03 1.75 -5.14
CA ARG A 398 -4.23 2.68 -6.25
C ARG A 398 -2.96 3.46 -6.56
N GLY A 399 -2.68 3.59 -7.86
CA GLY A 399 -1.55 4.38 -8.29
C GLY A 399 -1.59 4.55 -9.79
N PRO A 400 -0.66 5.33 -10.35
CA PRO A 400 -0.62 5.53 -11.80
C PRO A 400 -0.05 4.31 -12.52
N THR A 401 -0.67 3.94 -13.65
CA THR A 401 -0.17 2.77 -14.36
C THR A 401 1.08 3.09 -15.18
N SER A 402 1.30 4.35 -15.50
CA SER A 402 2.53 4.78 -16.14
C SER A 402 2.69 6.27 -15.90
N LEU A 403 3.91 6.75 -16.09
CA LEU A 403 4.23 8.16 -15.92
C LEU A 403 5.28 8.53 -16.97
N HIS A 404 4.82 8.87 -18.17
CA HIS A 404 5.72 9.23 -19.25
C HIS A 404 6.17 10.67 -19.04
N VAL A 405 7.49 10.88 -19.09
CA VAL A 405 8.08 12.19 -18.88
C VAL A 405 9.08 12.48 -20.01
N THR A 406 9.43 13.75 -20.13
CA THR A 406 10.46 14.18 -21.06
C THR A 406 11.33 15.24 -20.38
N TRP A 407 12.52 15.43 -20.93
CA TRP A 407 13.37 16.54 -20.51
C TRP A 407 14.34 16.89 -21.64
N GLU A 408 14.70 18.17 -21.70
CA GLU A 408 15.69 18.64 -22.68
C GLU A 408 17.07 18.09 -22.33
N VAL A 409 17.67 17.37 -23.26
CA VAL A 409 18.98 16.77 -23.02
C VAL A 409 20.06 17.79 -23.38
CHA HEM B . -0.03 -1.85 7.11
CHB HEM B . 0.17 2.04 4.25
CHC HEM B . 4.74 0.91 3.14
CHD HEM B . 4.75 -2.48 6.56
C1A HEM B . -0.40 -0.75 6.38
C2A HEM B . -1.73 -0.20 6.29
C3A HEM B . -1.68 0.90 5.53
C4A HEM B . -0.29 1.05 5.10
CMA HEM B . -2.82 1.81 5.13
CAA HEM B . -3.00 -0.78 6.98
CBA HEM B . -3.21 -0.01 8.28
CGA HEM B . -4.56 -0.27 8.87
O1A HEM B . -5.21 -1.31 8.59
O2A HEM B . -4.99 0.59 9.69
C1B HEM B . 1.42 2.07 3.66
C2B HEM B . 1.90 3.04 2.72
C3B HEM B . 3.15 2.72 2.40
C4B HEM B . 3.51 1.55 3.17
CMB HEM B . 1.02 4.18 2.18
CAB HEM B . 4.14 3.41 1.45
CBB HEM B . 3.98 4.68 1.05
C1C HEM B . 5.19 -0.09 3.97
C2C HEM B . 6.49 -0.69 3.98
C3C HEM B . 6.50 -1.63 4.95
C4C HEM B . 5.19 -1.66 5.54
CMC HEM B . 7.63 -0.30 3.03
CAC HEM B . 7.58 -2.60 5.44
CBC HEM B . 8.91 -2.41 5.25
C1D HEM B . 3.45 -2.65 6.97
C2D HEM B . 2.96 -3.63 7.91
C3D HEM B . 1.63 -3.47 8.04
C4D HEM B . 1.26 -2.35 7.24
CMD HEM B . 3.86 -4.71 8.55
CAD HEM B . 0.67 -4.30 8.92
CBD HEM B . 0.49 -3.67 10.31
CGD HEM B . -0.42 -4.51 11.17
O1D HEM B . -1.46 -5.04 10.64
O2D HEM B . -0.15 -4.65 12.39
NA HEM B . 0.47 0.06 5.65
NB HEM B . 2.44 1.18 3.95
NC HEM B . 4.41 -0.68 4.95
ND HEM B . 2.40 -1.82 6.62
FE HEM B . 2.53 -0.10 5.53
HHB HEM B . -0.44 2.79 4.06
HHC HEM B . 5.36 1.21 2.44
HHD HEM B . 5.44 -2.99 7.05
HMA HEM B . -3.49 1.29 4.63
HMAA HEM B . -2.49 2.53 4.56
HMAB HEM B . -3.24 2.18 5.93
HAA HEM B . -2.86 -1.72 7.17
HAAA HEM B . -3.76 -0.67 6.40
HBA HEM B . -3.13 0.94 8.10
HBAA HEM B . -2.54 -0.27 8.92
HMB HEM B . 0.25 3.81 1.72
HMBA HEM B . 1.54 4.72 1.56
HMBB HEM B . 0.72 4.74 2.91
HAB HEM B . 4.90 2.91 1.13
HBB HEM B . 4.64 5.08 0.44
HBBA HEM B . 3.22 5.20 1.36
HMC HEM B . 7.36 -0.45 2.11
HMCA HEM B . 8.41 -0.84 3.22
HMCB HEM B . 7.85 0.63 3.15
HAC HEM B . 7.30 -3.40 5.90
HBC HEM B . 9.55 -3.06 5.59
HBCA HEM B . 9.23 -1.62 4.79
HMD HEM B . 3.32 -5.27 9.15
HMDA HEM B . 4.58 -4.28 9.06
HMDB HEM B . 4.25 -5.27 7.84
HAD HEM B . 1.02 -5.20 9.02
HADA HEM B . -0.19 -4.34 8.47
HBD HEM B . 0.11 -2.78 10.20
HBDA HEM B . 1.36 -3.60 10.74
HHA HEM B . -0.74 -2.34 7.58
C10 OKE C . -0.34 -5.41 2.45
C01 OKE C . 2.61 -3.89 3.96
C03 OKE C . 0.40 -4.52 3.19
C04 OKE C . -0.28 -3.57 3.98
C05 OKE C . -1.68 -3.61 4.03
C06 OKE C . -2.39 -4.52 3.29
C07 OKE C . -1.69 -5.45 2.50
C08 OKE C . -2.39 -6.50 1.66
O02 OKE C . 1.79 -4.63 3.05
O09 OKE C . -3.72 -6.39 1.84
O11 OKE C . 0.38 -6.35 1.69
H013 OKE C . 3.44 -3.65 3.52
H011 OKE C . 2.80 -4.44 4.73
H012 OKE C . 2.15 -3.08 4.23
H041 OKE C . 0.20 -2.95 4.47
H051 OKE C . -2.13 -3.00 4.57
H061 OKE C . -3.32 -4.51 3.29
H082 OKE C . -2.17 -6.36 0.72
H081 OKE C . -2.09 -7.38 1.93
H091 OKE C . -4.10 -7.10 1.57
H111 OKE C . 0.09 -6.34 0.89
#